data_5MA7
#
_entry.id   5MA7
#
_cell.length_a   92.754
_cell.length_b   92.754
_cell.length_c   129.766
_cell.angle_alpha   90.00
_cell.angle_beta   90.00
_cell.angle_gamma   120.00
#
_symmetry.space_group_name_H-M   'P 61 2 2'
#
loop_
_entity.id
_entity.type
_entity.pdbx_description
1 polymer Thermolysin
2 non-polymer 'ZINC ION'
3 non-polymer 'CALCIUM ION'
4 non-polymer GLYCEROL
5 non-polymer 'DIMETHYL SULFOXIDE'
6 non-polymer '(2~{S})-2-[[(2~{S})-3-azanyl-2-[[oxidanyl(phenylmethoxycarbonylaminomethyl)phosphoryl]amino]propanoyl]amino]-4-methyl-pentanoic acid'
7 water water
#
_entity_poly.entity_id   1
_entity_poly.type   'polypeptide(L)'
_entity_poly.pdbx_seq_one_letter_code
;ITGTSTVGVGRGVLGDQKNINTTYSTYYYLQDNTRGNGIFTYDAKYRTTLPGSLWADADNQFFASYDAPAVDAHYYAGVT
YDYYKNVHNRLSYDGNNAAIRSSVHYSQGYNNAFWNGSQMVYGDGDGQTFIPLSGGIDVVAHELTHAVTDYTAGLIYQNE
SGAINEAISDIFGTLVEFYANKNPDWEIGEDVYTPGISGDSLRSMSDPAKYGDPDHYSKRYTGTQDNGGVHINSGIINKA
AYLISQGGTHYGVSVVGIGRDKLGKIFYRALTQYLTPTSNFSQLRAAAVQSATDLYGSTSQEVASVKQAFDAVGVK
;
_entity_poly.pdbx_strand_id   E
#
loop_
_chem_comp.id
_chem_comp.type
_chem_comp.name
_chem_comp.formula
7K0 non-polymer '(2~{S})-2-[[(2~{S})-3-azanyl-2-[[oxidanyl(phenylmethoxycarbonylaminomethyl)phosphoryl]amino]propanoyl]amino]-4-methyl-pentanoic acid' 'C18 H29 N4 O7 P'
CA non-polymer 'CALCIUM ION' 'Ca 2'
DMS non-polymer 'DIMETHYL SULFOXIDE' 'C2 H6 O S'
GOL non-polymer GLYCEROL 'C3 H8 O3'
ZN non-polymer 'ZINC ION' 'Zn 2'
#
# COMPACT_ATOMS: atom_id res chain seq x y z
N ILE A 1 0.37 12.73 -22.45
CA ILE A 1 0.27 13.74 -23.53
C ILE A 1 1.55 14.56 -23.60
N THR A 2 1.83 15.12 -24.76
CA THR A 2 2.97 16.01 -24.91
C THR A 2 2.57 17.40 -24.44
N GLY A 3 3.36 18.00 -23.57
CA GLY A 3 3.04 19.33 -23.09
C GLY A 3 4.14 19.82 -22.20
N THR A 4 3.89 20.83 -21.42
CA THR A 4 4.91 21.35 -20.52
C THR A 4 4.50 21.10 -19.06
N SER A 5 5.49 20.80 -18.26
CA SER A 5 5.26 20.51 -16.86
C SER A 5 4.87 21.75 -16.09
N THR A 6 3.83 21.61 -15.27
CA THR A 6 3.24 22.70 -14.52
C THR A 6 2.95 22.22 -13.11
N VAL A 7 2.55 23.16 -12.25
CA VAL A 7 2.23 22.87 -10.85
C VAL A 7 0.87 23.45 -10.53
N GLY A 8 -0.10 22.58 -10.31
CA GLY A 8 -1.43 22.97 -9.89
C GLY A 8 -1.56 22.90 -8.37
N VAL A 9 -2.72 23.33 -7.89
N VAL A 9 -2.72 23.31 -7.90
CA VAL A 9 -3.03 23.31 -6.47
CA VAL A 9 -3.03 23.33 -6.47
C VAL A 9 -4.46 22.81 -6.31
C VAL A 9 -4.45 22.85 -6.29
N GLY A 10 -4.71 22.10 -5.23
CA GLY A 10 -6.04 21.62 -4.99
C GLY A 10 -6.21 21.16 -3.56
N ARG A 11 -7.37 20.53 -3.32
CA ARG A 11 -7.68 19.97 -2.01
C ARG A 11 -8.00 18.49 -2.16
N GLY A 12 -7.49 17.70 -1.23
CA GLY A 12 -7.75 16.28 -1.20
C GLY A 12 -9.04 15.93 -0.48
N VAL A 13 -9.29 14.63 -0.37
CA VAL A 13 -10.51 14.08 0.21
C VAL A 13 -10.75 14.58 1.63
N LEU A 14 -9.69 14.75 2.42
N LEU A 14 -9.69 14.72 2.43
CA LEU A 14 -9.81 15.21 3.79
CA LEU A 14 -9.81 15.19 3.80
C LEU A 14 -9.74 16.73 3.94
C LEU A 14 -9.79 16.72 3.93
N GLY A 15 -9.76 17.46 2.83
CA GLY A 15 -9.82 18.90 2.89
C GLY A 15 -8.51 19.62 2.99
N ASP A 16 -7.42 18.91 2.82
CA ASP A 16 -6.08 19.48 2.91
C ASP A 16 -5.63 19.99 1.55
N GLN A 17 -4.96 21.14 1.55
CA GLN A 17 -4.47 21.74 0.32
C GLN A 17 -3.10 21.16 -0.02
N LYS A 18 -2.87 20.85 -1.30
CA LYS A 18 -1.55 20.38 -1.70
C LYS A 18 -1.30 20.80 -3.14
N ASN A 19 -0.03 20.90 -3.48
CA ASN A 19 0.39 21.13 -4.86
C ASN A 19 0.51 19.80 -5.58
N ILE A 20 0.16 19.81 -6.86
N ILE A 20 0.18 19.81 -6.86
CA ILE A 20 0.21 18.63 -7.71
CA ILE A 20 0.32 18.61 -7.68
C ILE A 20 0.94 18.94 -9.03
C ILE A 20 0.99 18.95 -8.99
N ASN A 21 1.72 17.98 -9.50
CA ASN A 21 2.42 18.10 -10.77
C ASN A 21 1.48 17.78 -11.91
N THR A 22 1.32 18.74 -12.80
CA THR A 22 0.41 18.63 -13.93
C THR A 22 1.16 18.86 -15.25
N THR A 23 0.46 18.70 -16.35
CA THR A 23 1.00 18.95 -17.70
C THR A 23 0.02 19.84 -18.45
N TYR A 24 0.52 20.91 -19.04
CA TYR A 24 -0.32 21.83 -19.81
C TYR A 24 -0.19 21.57 -21.31
N SER A 25 -1.35 21.34 -21.94
CA SER A 25 -1.47 21.30 -23.39
C SER A 25 -2.97 21.52 -23.63
N THR A 26 -3.35 22.79 -23.85
CA THR A 26 -4.74 23.27 -23.91
C THR A 26 -5.46 23.20 -22.55
N TYR A 27 -5.56 21.99 -21.99
CA TYR A 27 -5.98 21.76 -20.63
C TYR A 27 -4.77 21.47 -19.75
N TYR A 28 -5.01 21.51 -18.44
CA TYR A 28 -4.05 21.03 -17.46
C TYR A 28 -4.44 19.61 -17.07
N TYR A 29 -3.54 18.66 -17.29
CA TYR A 29 -3.81 17.25 -17.07
C TYR A 29 -3.09 16.78 -15.82
N LEU A 30 -3.70 15.78 -15.16
CA LEU A 30 -3.05 15.11 -14.03
C LEU A 30 -2.02 14.12 -14.58
N GLN A 31 -0.88 14.69 -14.96
CA GLN A 31 0.25 13.99 -15.55
C GLN A 31 1.48 14.65 -14.95
N ASP A 32 2.14 13.90 -14.06
CA ASP A 32 3.34 14.32 -13.35
C ASP A 32 4.56 13.78 -14.09
N ASN A 33 5.29 14.67 -14.75
CA ASN A 33 6.46 14.27 -15.52
C ASN A 33 7.73 14.23 -14.69
N THR A 34 7.65 14.57 -13.41
CA THR A 34 8.84 14.69 -12.57
C THR A 34 9.32 13.36 -12.02
N ARG A 35 8.52 12.31 -12.17
CA ARG A 35 8.81 11.01 -11.55
C ARG A 35 8.79 9.94 -12.66
N GLY A 36 9.95 9.37 -12.93
CA GLY A 36 10.05 8.29 -13.89
C GLY A 36 9.50 8.65 -15.24
N ASN A 37 8.74 7.73 -15.81
CA ASN A 37 8.05 7.96 -17.06
C ASN A 37 6.63 8.46 -16.86
N GLY A 38 6.36 9.04 -15.71
CA GLY A 38 5.17 9.79 -15.45
C GLY A 38 4.22 9.07 -14.50
N ILE A 39 3.41 9.88 -13.83
CA ILE A 39 2.27 9.45 -13.04
C ILE A 39 1.04 10.09 -13.68
N PHE A 40 0.06 9.27 -13.99
CA PHE A 40 -1.09 9.66 -14.79
C PHE A 40 -2.36 9.27 -14.03
N THR A 41 -3.27 10.22 -13.85
CA THR A 41 -4.51 10.00 -13.12
C THR A 41 -5.69 10.26 -14.03
N TYR A 42 -6.65 9.33 -14.00
CA TYR A 42 -7.77 9.25 -14.93
C TYR A 42 -9.10 9.34 -14.19
N ASP A 43 -10.11 9.84 -14.91
CA ASP A 43 -11.52 9.88 -14.46
C ASP A 43 -12.27 8.70 -15.04
N ALA A 44 -12.72 7.78 -14.17
CA ALA A 44 -13.59 6.69 -14.61
C ALA A 44 -15.07 7.07 -14.65
N LYS A 45 -15.44 8.27 -14.16
CA LYS A 45 -16.75 8.89 -14.39
C LYS A 45 -17.92 8.03 -13.89
N TYR A 46 -17.69 7.31 -12.79
CA TYR A 46 -18.67 6.44 -12.14
C TYR A 46 -18.94 5.17 -12.92
N ARG A 47 -18.19 4.90 -13.97
CA ARG A 47 -18.33 3.69 -14.76
C ARG A 47 -17.23 2.71 -14.41
N THR A 48 -17.26 1.54 -15.07
CA THR A 48 -16.31 0.48 -14.78
C THR A 48 -15.39 0.20 -15.97
N THR A 49 -15.44 1.03 -17.01
N THR A 49 -15.52 0.98 -17.04
CA THR A 49 -14.56 0.87 -18.16
CA THR A 49 -14.54 0.91 -18.13
C THR A 49 -13.27 1.65 -17.90
C THR A 49 -13.25 1.58 -17.66
N LEU A 50 -12.14 0.95 -17.98
CA LEU A 50 -10.84 1.48 -17.55
C LEU A 50 -9.90 1.70 -18.72
N PRO A 51 -9.04 2.73 -18.62
CA PRO A 51 -8.85 3.60 -17.46
C PRO A 51 -9.83 4.76 -17.35
N GLY A 52 -10.59 5.04 -18.40
CA GLY A 52 -11.36 6.26 -18.47
C GLY A 52 -10.53 7.31 -19.17
N SER A 53 -10.73 8.56 -18.79
N SER A 53 -10.80 8.59 -18.90
CA SER A 53 -10.12 9.70 -19.48
CA SER A 53 -10.10 9.67 -19.61
C SER A 53 -9.01 10.31 -18.64
C SER A 53 -9.06 10.35 -18.71
N LEU A 54 -7.88 10.63 -19.27
CA LEU A 54 -6.84 11.33 -18.53
C LEU A 54 -7.42 12.61 -17.96
N TRP A 55 -7.22 12.85 -16.66
CA TRP A 55 -7.94 13.92 -15.99
C TRP A 55 -7.53 15.27 -16.52
N ALA A 56 -8.50 16.02 -17.07
CA ALA A 56 -8.29 17.34 -17.67
C ALA A 56 -9.01 18.41 -16.85
N ASP A 57 -8.37 19.54 -16.68
CA ASP A 57 -8.88 20.65 -15.89
C ASP A 57 -8.54 21.96 -16.60
N ALA A 58 -9.48 22.88 -16.64
CA ALA A 58 -9.32 24.11 -17.41
C ALA A 58 -8.32 25.09 -16.80
N ASP A 59 -8.19 25.15 -15.47
CA ASP A 59 -7.45 26.24 -14.83
C ASP A 59 -6.33 25.82 -13.89
N ASN A 60 -6.04 24.53 -13.75
CA ASN A 60 -4.96 24.06 -12.89
C ASN A 60 -5.25 24.23 -11.40
N GLN A 61 -6.51 24.46 -11.03
CA GLN A 61 -6.98 24.54 -9.66
C GLN A 61 -7.96 23.39 -9.43
N PHE A 62 -7.75 22.62 -8.37
CA PHE A 62 -8.48 21.38 -8.19
C PHE A 62 -9.15 21.38 -6.80
N PHE A 63 -10.08 22.32 -6.61
CA PHE A 63 -10.77 22.53 -5.36
C PHE A 63 -12.22 22.05 -5.35
N ALA A 64 -12.70 21.48 -6.44
CA ALA A 64 -14.07 21.00 -6.46
C ALA A 64 -14.16 19.67 -5.73
N SER A 65 -15.34 19.39 -5.17
N SER A 65 -15.33 19.41 -5.16
CA SER A 65 -15.50 18.11 -4.49
CA SER A 65 -15.51 18.11 -4.50
C SER A 65 -15.20 16.94 -5.43
C SER A 65 -15.17 16.96 -5.43
N TYR A 66 -15.58 17.06 -6.70
CA TYR A 66 -15.35 15.97 -7.65
C TYR A 66 -13.86 15.76 -7.87
N ASP A 67 -13.04 16.81 -7.69
CA ASP A 67 -11.60 16.72 -7.93
C ASP A 67 -10.86 16.01 -6.80
N ALA A 68 -11.40 15.99 -5.59
CA ALA A 68 -10.62 15.58 -4.43
C ALA A 68 -10.03 14.17 -4.53
N PRO A 69 -10.78 13.16 -4.99
CA PRO A 69 -10.15 11.83 -5.07
C PRO A 69 -9.02 11.79 -6.06
N ALA A 70 -9.10 12.55 -7.14
CA ALA A 70 -8.06 12.59 -8.14
C ALA A 70 -6.80 13.25 -7.58
N VAL A 71 -6.97 14.37 -6.88
CA VAL A 71 -5.84 15.06 -6.24
C VAL A 71 -5.04 14.08 -5.39
N ASP A 72 -5.75 13.31 -4.54
CA ASP A 72 -5.06 12.44 -3.60
C ASP A 72 -4.47 11.19 -4.28
N ALA A 73 -5.16 10.60 -5.26
CA ALA A 73 -4.57 9.47 -5.95
C ALA A 73 -3.27 9.89 -6.60
N HIS A 74 -3.27 11.07 -7.24
CA HIS A 74 -2.12 11.56 -7.96
C HIS A 74 -0.99 11.88 -7.00
N TYR A 75 -1.29 12.63 -5.94
CA TYR A 75 -0.28 13.07 -4.99
C TYR A 75 0.31 11.89 -4.22
N TYR A 76 -0.53 10.98 -3.73
CA TYR A 76 -0.03 9.87 -2.92
C TYR A 76 0.69 8.85 -3.79
N ALA A 77 0.36 8.74 -5.07
CA ALA A 77 1.21 7.92 -5.94
C ALA A 77 2.61 8.51 -6.03
N GLY A 78 2.70 9.84 -6.08
CA GLY A 78 4.01 10.49 -6.04
C GLY A 78 4.79 10.21 -4.77
N VAL A 79 4.13 10.29 -3.61
CA VAL A 79 4.82 10.00 -2.36
C VAL A 79 5.32 8.57 -2.38
N THR A 80 4.48 7.64 -2.86
CA THR A 80 4.87 6.24 -2.86
C THR A 80 6.04 5.98 -3.80
N TYR A 81 6.03 6.61 -4.97
CA TYR A 81 7.17 6.55 -5.88
C TYR A 81 8.43 7.06 -5.17
N ASP A 82 8.33 8.18 -4.46
CA ASP A 82 9.48 8.73 -3.76
C ASP A 82 10.00 7.77 -2.69
N TYR A 83 9.10 7.15 -1.93
CA TYR A 83 9.53 6.18 -0.93
C TYR A 83 10.35 5.07 -1.59
N TYR A 84 9.82 4.45 -2.63
CA TYR A 84 10.54 3.32 -3.21
C TYR A 84 11.88 3.77 -3.81
N LYS A 85 11.93 4.94 -4.45
CA LYS A 85 13.16 5.44 -5.02
C LYS A 85 14.17 5.81 -3.94
N ASN A 86 13.76 6.62 -2.97
CA ASN A 86 14.69 7.20 -2.01
C ASN A 86 15.12 6.18 -0.97
N VAL A 87 14.23 5.27 -0.60
CA VAL A 87 14.51 4.35 0.49
C VAL A 87 15.08 3.04 -0.04
N HIS A 88 14.59 2.54 -1.17
CA HIS A 88 14.98 1.23 -1.66
C HIS A 88 15.70 1.28 -3.00
N ASN A 89 15.95 2.46 -3.55
CA ASN A 89 16.59 2.57 -4.85
C ASN A 89 15.82 1.79 -5.92
N ARG A 90 14.50 1.80 -5.85
CA ARG A 90 13.65 1.16 -6.84
C ARG A 90 12.90 2.23 -7.62
N LEU A 91 13.01 2.15 -8.95
CA LEU A 91 12.41 3.12 -9.88
C LEU A 91 11.08 2.57 -10.37
N SER A 92 10.01 3.08 -9.77
CA SER A 92 8.65 2.64 -10.03
C SER A 92 8.43 1.16 -9.72
N TYR A 93 7.25 0.65 -10.08
CA TYR A 93 6.90 -0.69 -9.62
C TYR A 93 7.68 -1.78 -10.33
N ASP A 94 8.12 -1.55 -11.57
CA ASP A 94 8.88 -2.53 -12.33
C ASP A 94 10.38 -2.37 -12.19
N GLY A 95 10.85 -1.35 -11.44
CA GLY A 95 12.25 -1.08 -11.35
C GLY A 95 12.85 -0.39 -12.55
N ASN A 96 12.06 -0.07 -13.58
N ASN A 96 12.04 -0.06 -13.56
CA ASN A 96 12.54 0.62 -14.78
CA ASN A 96 12.49 0.58 -14.79
C ASN A 96 11.63 1.80 -15.10
C ASN A 96 11.68 1.84 -15.08
N ASN A 97 11.08 2.44 -14.06
CA ASN A 97 10.35 3.69 -14.22
C ASN A 97 9.08 3.55 -15.05
N ALA A 98 8.40 2.40 -14.97
CA ALA A 98 7.10 2.29 -15.63
C ALA A 98 6.17 3.43 -15.22
N ALA A 99 5.41 3.91 -16.19
CA ALA A 99 4.37 4.87 -15.91
C ALA A 99 3.37 4.31 -14.90
N ILE A 100 2.96 5.14 -13.97
CA ILE A 100 2.02 4.77 -12.92
C ILE A 100 0.67 5.38 -13.27
N ARG A 101 -0.34 4.52 -13.45
CA ARG A 101 -1.66 4.96 -13.84
C ARG A 101 -2.67 4.63 -12.74
N SER A 102 -3.55 5.59 -12.46
CA SER A 102 -4.64 5.41 -11.51
C SER A 102 -5.94 5.94 -12.07
N SER A 103 -7.06 5.29 -11.76
CA SER A 103 -8.38 5.80 -12.10
C SER A 103 -9.17 6.00 -10.81
N VAL A 104 -9.87 7.13 -10.72
CA VAL A 104 -10.77 7.43 -9.60
C VAL A 104 -12.20 7.55 -10.10
N HIS A 105 -13.12 7.67 -9.16
CA HIS A 105 -14.54 7.63 -9.47
C HIS A 105 -14.91 6.35 -10.20
N TYR A 106 -14.33 5.23 -9.76
CA TYR A 106 -14.66 3.93 -10.34
C TYR A 106 -16.00 3.44 -9.79
N SER A 107 -16.96 3.16 -10.68
CA SER A 107 -18.27 2.62 -10.33
C SER A 107 -19.03 3.61 -9.47
N GLN A 108 -20.08 3.12 -8.83
CA GLN A 108 -20.96 3.93 -7.98
C GLN A 108 -20.97 3.34 -6.58
N GLY A 109 -20.67 4.16 -5.58
CA GLY A 109 -20.68 3.69 -4.21
C GLY A 109 -19.73 2.55 -3.93
N TYR A 110 -18.58 2.53 -4.59
CA TYR A 110 -17.73 1.34 -4.60
C TYR A 110 -16.79 1.39 -3.40
N ASN A 111 -16.93 0.40 -2.51
CA ASN A 111 -16.23 0.35 -1.23
C ASN A 111 -14.94 -0.47 -1.34
N ASN A 112 -14.09 -0.12 -2.31
CA ASN A 112 -12.83 -0.84 -2.44
C ASN A 112 -11.90 -0.07 -3.36
N ALA A 113 -10.69 -0.60 -3.46
CA ALA A 113 -9.64 -0.14 -4.37
C ALA A 113 -8.82 -1.36 -4.73
N PHE A 114 -8.14 -1.32 -5.88
CA PHE A 114 -7.41 -2.50 -6.31
C PHE A 114 -6.40 -2.13 -7.38
N TRP A 115 -5.47 -3.05 -7.58
CA TRP A 115 -4.58 -3.08 -8.74
C TRP A 115 -5.12 -4.13 -9.70
N ASN A 116 -5.38 -3.75 -10.95
CA ASN A 116 -6.07 -4.64 -11.88
C ASN A 116 -5.13 -5.43 -12.78
N GLY A 117 -3.82 -5.46 -12.43
CA GLY A 117 -2.78 -6.02 -13.28
C GLY A 117 -1.99 -5.00 -14.07
N SER A 118 -2.55 -3.80 -14.23
CA SER A 118 -2.00 -2.74 -15.07
C SER A 118 -2.07 -1.36 -14.45
N GLN A 119 -2.96 -1.11 -13.50
CA GLN A 119 -3.19 0.22 -12.98
C GLN A 119 -3.88 0.10 -11.63
N MET A 120 -3.87 1.21 -10.88
N MET A 120 -3.85 1.20 -10.86
CA MET A 120 -4.63 1.33 -9.65
CA MET A 120 -4.63 1.33 -9.65
C MET A 120 -6.04 1.87 -9.95
C MET A 120 -6.04 1.82 -9.97
N VAL A 121 -6.99 1.44 -9.13
CA VAL A 121 -8.40 1.75 -9.30
C VAL A 121 -9.00 2.07 -7.93
N TYR A 122 -9.69 3.20 -7.81
CA TYR A 122 -10.25 3.62 -6.53
C TYR A 122 -11.74 3.91 -6.62
N GLY A 123 -12.52 3.26 -5.78
CA GLY A 123 -13.90 3.66 -5.57
C GLY A 123 -14.02 4.93 -4.78
N ASP A 124 -15.24 5.48 -4.83
CA ASP A 124 -15.59 6.65 -4.02
C ASP A 124 -16.14 6.26 -2.65
N GLY A 125 -16.44 4.98 -2.42
CA GLY A 125 -17.17 4.60 -1.24
C GLY A 125 -18.61 4.97 -1.32
N ASP A 126 -19.40 4.41 -0.40
CA ASP A 126 -20.84 4.71 -0.33
C ASP A 126 -21.15 5.85 0.62
N GLY A 127 -20.13 6.48 1.18
CA GLY A 127 -20.29 7.58 2.11
C GLY A 127 -20.53 7.17 3.55
N GLN A 128 -20.78 5.88 3.80
CA GLN A 128 -21.02 5.31 5.12
C GLN A 128 -19.92 4.34 5.50
N THR A 129 -19.66 3.32 4.70
CA THR A 129 -18.54 2.42 4.95
C THR A 129 -17.20 3.09 4.63
N PHE A 130 -17.16 3.86 3.54
CA PHE A 130 -15.95 4.54 3.09
C PHE A 130 -16.29 5.89 2.49
N ILE A 131 -15.33 6.81 2.58
CA ILE A 131 -15.22 7.98 1.71
C ILE A 131 -14.19 7.61 0.63
N PRO A 132 -13.95 8.48 -0.35
CA PRO A 132 -13.14 8.02 -1.49
C PRO A 132 -11.77 7.49 -1.05
N LEU A 133 -11.43 6.30 -1.55
CA LEU A 133 -10.39 5.51 -0.89
C LEU A 133 -8.99 6.05 -1.15
N SER A 134 -8.79 6.84 -2.19
CA SER A 134 -7.51 7.47 -2.41
C SER A 134 -7.18 8.51 -1.36
N GLY A 135 -8.10 8.85 -0.46
CA GLY A 135 -7.77 9.71 0.65
C GLY A 135 -6.83 9.09 1.67
N GLY A 136 -6.63 7.79 1.60
CA GLY A 136 -5.76 7.08 2.53
C GLY A 136 -4.39 6.82 1.93
N ILE A 137 -3.33 7.45 2.44
CA ILE A 137 -2.00 7.22 1.90
C ILE A 137 -1.61 5.74 2.01
N ASP A 138 -1.98 5.11 3.14
CA ASP A 138 -1.69 3.69 3.29
C ASP A 138 -2.41 2.84 2.25
N VAL A 139 -3.64 3.22 1.88
CA VAL A 139 -4.39 2.52 0.84
C VAL A 139 -3.71 2.67 -0.51
N VAL A 140 -3.36 3.89 -0.89
CA VAL A 140 -2.66 4.12 -2.16
C VAL A 140 -1.37 3.31 -2.22
N ALA A 141 -0.56 3.39 -1.15
CA ALA A 141 0.70 2.65 -1.16
C ALA A 141 0.49 1.15 -1.11
N HIS A 142 -0.57 0.68 -0.40
CA HIS A 142 -0.95 -0.72 -0.44
C HIS A 142 -1.17 -1.16 -1.89
N GLU A 143 -1.95 -0.38 -2.64
CA GLU A 143 -2.25 -0.75 -4.03
C GLU A 143 -1.01 -0.74 -4.90
N LEU A 144 -0.18 0.31 -4.81
CA LEU A 144 0.99 0.33 -5.67
C LEU A 144 1.95 -0.79 -5.30
N THR A 145 1.96 -1.18 -4.02
CA THR A 145 2.81 -2.28 -3.60
C THR A 145 2.36 -3.62 -4.22
N HIS A 146 1.07 -3.80 -4.50
CA HIS A 146 0.68 -5.00 -5.24
C HIS A 146 1.39 -5.05 -6.59
N ALA A 147 1.57 -3.92 -7.26
CA ALA A 147 2.30 -3.91 -8.52
C ALA A 147 3.76 -4.30 -8.31
N VAL A 148 4.38 -3.78 -7.25
CA VAL A 148 5.76 -4.17 -6.93
C VAL A 148 5.86 -5.67 -6.71
N THR A 149 4.98 -6.22 -5.88
CA THR A 149 4.94 -7.67 -5.65
C THR A 149 4.78 -8.44 -6.95
N ASP A 150 3.83 -8.01 -7.80
CA ASP A 150 3.56 -8.78 -9.00
C ASP A 150 4.78 -8.80 -9.93
N TYR A 151 5.58 -7.74 -9.92
CA TYR A 151 6.77 -7.65 -10.76
C TYR A 151 7.97 -8.36 -10.14
N THR A 152 7.90 -8.74 -8.86
CA THR A 152 9.05 -9.27 -8.16
C THR A 152 8.72 -10.68 -7.69
N ALA A 153 8.33 -10.89 -6.43
CA ALA A 153 8.09 -12.24 -5.95
C ALA A 153 6.96 -12.91 -6.74
N GLY A 154 5.93 -12.16 -7.10
CA GLY A 154 4.84 -12.72 -7.90
C GLY A 154 3.92 -13.62 -7.09
N LEU A 155 3.83 -13.40 -5.79
CA LEU A 155 3.01 -14.20 -4.89
C LEU A 155 1.59 -14.39 -5.40
N ILE A 156 1.21 -15.64 -5.62
N ILE A 156 1.20 -15.64 -5.58
CA ILE A 156 -0.13 -16.01 -6.08
CA ILE A 156 -0.12 -15.99 -6.10
C ILE A 156 -1.17 -15.53 -5.07
C ILE A 156 -1.19 -15.59 -5.09
N TYR A 157 -2.30 -15.02 -5.58
CA TYR A 157 -3.28 -14.35 -4.70
C TYR A 157 -4.30 -15.33 -4.10
N GLN A 158 -3.80 -16.32 -3.35
CA GLN A 158 -4.66 -17.24 -2.66
C GLN A 158 -3.87 -17.91 -1.54
N ASN A 159 -4.60 -18.29 -0.49
CA ASN A 159 -4.00 -19.12 0.60
C ASN A 159 -2.79 -18.40 1.19
N GLU A 160 -1.74 -19.13 1.61
CA GLU A 160 -0.67 -18.47 2.36
C GLU A 160 0.10 -17.48 1.50
N SER A 161 0.42 -17.84 0.25
N SER A 161 0.43 -17.85 0.26
CA SER A 161 1.15 -16.89 -0.59
CA SER A 161 1.13 -16.90 -0.62
C SER A 161 0.35 -15.61 -0.77
C SER A 161 0.34 -15.61 -0.74
N GLY A 162 -0.98 -15.72 -0.84
CA GLY A 162 -1.81 -14.54 -1.01
C GLY A 162 -1.89 -13.70 0.26
N ALA A 163 -1.90 -14.36 1.42
CA ALA A 163 -1.83 -13.63 2.67
C ALA A 163 -0.49 -12.91 2.83
N ILE A 164 0.61 -13.51 2.36
CA ILE A 164 1.89 -12.78 2.34
C ILE A 164 1.79 -11.58 1.41
N ASN A 165 1.22 -11.79 0.22
CA ASN A 165 1.01 -10.70 -0.72
C ASN A 165 0.28 -9.53 -0.04
N GLU A 166 -0.83 -9.82 0.63
CA GLU A 166 -1.58 -8.79 1.34
C GLU A 166 -0.77 -8.12 2.43
N ALA A 167 -0.06 -8.93 3.23
CA ALA A 167 0.72 -8.35 4.32
C ALA A 167 1.81 -7.45 3.78
N ILE A 168 2.49 -7.85 2.70
CA ILE A 168 3.50 -6.99 2.09
C ILE A 168 2.90 -5.63 1.74
N SER A 169 1.70 -5.63 1.16
CA SER A 169 1.02 -4.36 0.83
C SER A 169 0.65 -3.55 2.09
N ASP A 170 0.24 -4.22 3.18
CA ASP A 170 -0.04 -3.49 4.42
C ASP A 170 1.25 -2.94 5.04
N ILE A 171 2.31 -3.74 5.02
CA ILE A 171 3.59 -3.34 5.61
C ILE A 171 4.13 -2.12 4.88
N PHE A 172 4.24 -2.18 3.56
CA PHE A 172 4.76 -1.03 2.83
C PHE A 172 3.77 0.12 2.78
N GLY A 173 2.47 -0.16 2.80
CA GLY A 173 1.52 0.94 2.92
C GLY A 173 1.75 1.71 4.19
N THR A 174 1.99 0.99 5.28
CA THR A 174 2.28 1.61 6.57
C THR A 174 3.63 2.33 6.56
N LEU A 175 4.66 1.71 5.98
CA LEU A 175 5.96 2.37 5.94
C LEU A 175 5.90 3.65 5.12
N VAL A 176 5.10 3.68 4.05
CA VAL A 176 4.93 4.92 3.28
C VAL A 176 4.19 5.95 4.11
N GLU A 177 3.19 5.51 4.87
CA GLU A 177 2.49 6.44 5.75
C GLU A 177 3.45 7.07 6.77
N PHE A 178 4.35 6.26 7.35
CA PHE A 178 5.36 6.82 8.24
C PHE A 178 6.33 7.75 7.49
N TYR A 179 6.71 7.42 6.26
CA TYR A 179 7.63 8.24 5.48
C TYR A 179 7.05 9.63 5.26
N ALA A 180 5.75 9.71 4.95
CA ALA A 180 5.11 11.01 4.77
C ALA A 180 4.92 11.72 6.11
N ASN A 181 4.81 10.96 7.19
CA ASN A 181 4.84 11.45 8.57
C ASN A 181 3.66 12.37 8.92
N LYS A 182 2.48 12.06 8.41
CA LYS A 182 1.25 12.75 8.81
C LYS A 182 0.32 11.75 9.48
N ASN A 183 0.15 11.88 10.79
CA ASN A 183 -0.66 10.97 11.58
C ASN A 183 -0.36 9.50 11.33
N PRO A 184 0.91 9.07 11.37
CA PRO A 184 1.21 7.68 11.03
C PRO A 184 0.81 6.76 12.16
N ASP A 185 0.45 5.54 11.78
CA ASP A 185 0.07 4.49 12.72
C ASP A 185 0.28 3.14 12.04
N TRP A 186 -0.02 2.08 12.80
CA TRP A 186 0.05 0.71 12.33
C TRP A 186 -1.33 0.14 12.03
N GLU A 187 -2.29 1.01 11.74
CA GLU A 187 -3.63 0.66 11.32
C GLU A 187 -3.74 0.85 9.81
N ILE A 188 -4.71 0.18 9.17
CA ILE A 188 -4.87 0.26 7.71
C ILE A 188 -6.20 0.91 7.40
N GLY A 189 -6.17 2.02 6.65
CA GLY A 189 -7.37 2.60 6.08
C GLY A 189 -8.14 3.54 6.98
N GLU A 190 -7.59 3.88 8.14
CA GLU A 190 -8.33 4.68 9.13
C GLU A 190 -8.78 6.03 8.57
N ASP A 191 -8.07 6.60 7.59
CA ASP A 191 -8.43 7.94 7.14
C ASP A 191 -9.66 7.96 6.24
N VAL A 192 -10.05 6.82 5.68
CA VAL A 192 -11.18 6.77 4.74
C VAL A 192 -12.28 5.83 5.18
N TYR A 193 -12.08 5.04 6.23
CA TYR A 193 -13.07 4.08 6.68
C TYR A 193 -14.04 4.71 7.65
N THR A 194 -15.33 4.41 7.47
CA THR A 194 -16.41 4.78 8.40
C THR A 194 -16.32 6.21 8.91
N PRO A 195 -16.67 7.18 8.07
CA PRO A 195 -16.61 8.58 8.53
C PRO A 195 -17.45 8.84 9.78
N GLY A 196 -18.48 8.05 10.03
CA GLY A 196 -19.26 8.27 11.24
C GLY A 196 -18.74 7.63 12.52
N ILE A 197 -17.63 6.89 12.47
CA ILE A 197 -17.08 6.17 13.63
C ILE A 197 -15.61 6.57 13.77
N SER A 198 -15.24 7.13 14.91
CA SER A 198 -13.86 7.50 15.14
C SER A 198 -13.06 6.33 15.72
N GLY A 199 -11.80 6.27 15.37
CA GLY A 199 -10.89 5.36 16.06
C GLY A 199 -10.83 3.96 15.52
N ASP A 200 -11.54 3.65 14.44
CA ASP A 200 -11.51 2.32 13.84
C ASP A 200 -10.72 2.35 12.54
N SER A 201 -10.58 1.17 11.94
CA SER A 201 -9.83 1.00 10.71
C SER A 201 -10.25 -0.33 10.08
N LEU A 202 -9.73 -0.62 8.89
CA LEU A 202 -10.03 -1.89 8.21
C LEU A 202 -9.31 -3.05 8.86
N ARG A 203 -8.04 -2.85 9.22
CA ARG A 203 -7.20 -3.85 9.86
C ARG A 203 -6.27 -3.14 10.80
N SER A 204 -5.76 -3.88 11.78
CA SER A 204 -4.70 -3.41 12.66
C SER A 204 -3.52 -4.35 12.53
N MET A 205 -2.31 -3.81 12.31
CA MET A 205 -1.11 -4.64 12.34
C MET A 205 -0.63 -4.87 13.76
N SER A 206 -0.87 -3.90 14.64
CA SER A 206 -0.40 -4.03 16.02
C SER A 206 -1.26 -4.99 16.83
N ASP A 207 -2.53 -5.08 16.49
CA ASP A 207 -3.46 -5.98 17.17
C ASP A 207 -4.50 -6.46 16.16
N PRO A 208 -4.13 -7.39 15.29
CA PRO A 208 -5.06 -7.81 14.24
C PRO A 208 -6.39 -8.30 14.78
N ALA A 209 -6.39 -8.91 15.98
CA ALA A 209 -7.59 -9.47 16.55
C ALA A 209 -8.64 -8.41 16.86
N LYS A 210 -8.25 -7.14 16.94
CA LYS A 210 -9.20 -6.06 17.18
C LYS A 210 -10.32 -6.06 16.15
N TYR A 211 -10.00 -6.44 14.90
CA TYR A 211 -10.97 -6.54 13.81
C TYR A 211 -11.16 -7.98 13.36
N GLY A 212 -11.00 -8.94 14.28
CA GLY A 212 -11.28 -10.34 14.03
C GLY A 212 -10.23 -11.10 13.23
N ASP A 213 -9.09 -10.56 12.98
CA ASP A 213 -8.09 -11.26 12.20
C ASP A 213 -7.11 -11.98 13.12
N PRO A 214 -6.59 -13.11 12.66
CA PRO A 214 -5.67 -13.89 13.50
C PRO A 214 -4.34 -13.19 13.74
N ASP A 215 -3.77 -13.48 14.92
CA ASP A 215 -2.47 -12.97 15.34
C ASP A 215 -1.54 -14.11 15.73
N HIS A 216 -1.88 -15.32 15.31
CA HIS A 216 -1.08 -16.50 15.58
C HIS A 216 -1.47 -17.56 14.56
N TYR A 217 -0.50 -18.33 14.11
CA TYR A 217 -0.75 -19.34 13.06
C TYR A 217 -1.80 -20.35 13.50
N SER A 218 -1.91 -20.61 14.80
CA SER A 218 -2.89 -21.57 15.29
C SER A 218 -4.32 -21.08 15.10
N LYS A 219 -4.49 -19.80 14.78
CA LYS A 219 -5.81 -19.20 14.56
C LYS A 219 -6.06 -18.89 13.10
N ARG A 220 -5.23 -19.44 12.21
CA ARG A 220 -5.38 -19.14 10.79
C ARG A 220 -6.72 -19.65 10.26
N TYR A 221 -7.24 -18.94 9.27
CA TYR A 221 -8.43 -19.32 8.53
C TYR A 221 -8.07 -20.30 7.42
N THR A 222 -8.86 -21.36 7.30
CA THR A 222 -8.55 -22.44 6.36
C THR A 222 -9.71 -22.68 5.39
N GLY A 223 -10.70 -21.80 5.36
CA GLY A 223 -11.82 -21.91 4.43
C GLY A 223 -11.53 -21.26 3.09
N THR A 224 -12.60 -21.10 2.30
CA THR A 224 -12.45 -20.64 0.92
C THR A 224 -12.83 -19.17 0.69
N GLN A 225 -13.48 -18.53 1.65
CA GLN A 225 -13.84 -17.12 1.49
C GLN A 225 -12.57 -16.29 1.29
N ASP A 226 -12.71 -15.18 0.59
CA ASP A 226 -11.64 -14.19 0.50
C ASP A 226 -10.34 -14.81 -0.06
N ASN A 227 -10.49 -15.66 -1.08
CA ASN A 227 -9.36 -16.31 -1.73
C ASN A 227 -8.55 -17.15 -0.74
N GLY A 228 -9.25 -17.79 0.19
CA GLY A 228 -8.57 -18.53 1.23
C GLY A 228 -8.06 -17.65 2.34
N GLY A 229 -8.73 -16.53 2.63
CA GLY A 229 -8.39 -15.69 3.74
C GLY A 229 -7.24 -14.74 3.53
N VAL A 230 -7.01 -14.23 2.31
CA VAL A 230 -5.81 -13.41 2.08
C VAL A 230 -5.81 -12.13 2.91
N HIS A 231 -6.98 -11.52 3.17
CA HIS A 231 -7.04 -10.32 4.01
C HIS A 231 -7.26 -10.64 5.49
N ILE A 232 -7.34 -11.93 5.82
CA ILE A 232 -7.57 -12.42 7.17
C ILE A 232 -6.24 -12.91 7.73
N ASN A 233 -5.67 -13.92 7.06
CA ASN A 233 -4.39 -14.48 7.51
C ASN A 233 -3.22 -13.53 7.33
N SER A 234 -3.38 -12.44 6.56
CA SER A 234 -2.37 -11.39 6.55
C SER A 234 -2.08 -10.90 7.96
N GLY A 235 -3.06 -11.02 8.87
CA GLY A 235 -2.84 -10.55 10.24
C GLY A 235 -1.68 -11.24 10.95
N ILE A 236 -1.43 -12.49 10.60
CA ILE A 236 -0.36 -13.24 11.26
C ILE A 236 1.00 -12.65 10.86
N ILE A 237 1.16 -12.31 9.57
CA ILE A 237 2.39 -11.72 9.06
C ILE A 237 2.49 -10.25 9.47
N ASN A 238 1.37 -9.51 9.41
CA ASN A 238 1.36 -8.13 9.88
C ASN A 238 1.82 -8.03 11.31
N LYS A 239 1.35 -8.96 12.16
CA LYS A 239 1.75 -8.94 13.56
C LYS A 239 3.24 -9.21 13.69
N ALA A 240 3.75 -10.19 12.94
CA ALA A 240 5.20 -10.47 12.97
C ALA A 240 6.00 -9.24 12.57
N ALA A 241 5.56 -8.54 11.51
CA ALA A 241 6.28 -7.35 11.04
C ALA A 241 6.23 -6.24 12.09
N TYR A 242 5.05 -6.03 12.70
CA TYR A 242 4.92 -5.06 13.79
C TYR A 242 5.87 -5.40 14.94
N LEU A 243 5.95 -6.67 15.32
CA LEU A 243 6.85 -7.07 16.40
C LEU A 243 8.32 -6.84 16.02
N ILE A 244 8.71 -7.18 14.79
CA ILE A 244 10.08 -6.94 14.38
C ILE A 244 10.43 -5.47 14.56
N SER A 245 9.54 -4.58 14.13
CA SER A 245 9.83 -3.15 14.20
C SER A 245 9.77 -2.62 15.63
N GLN A 246 8.68 -2.91 16.33
CA GLN A 246 8.33 -2.22 17.55
C GLN A 246 8.62 -3.01 18.81
N GLY A 247 8.81 -4.32 18.68
CA GLY A 247 9.01 -5.18 19.83
C GLY A 247 7.71 -5.49 20.55
N GLY A 248 7.80 -6.38 21.51
CA GLY A 248 6.69 -6.71 22.38
C GLY A 248 6.79 -8.15 22.86
N THR A 249 5.90 -8.51 23.76
CA THR A 249 5.78 -9.89 24.22
C THR A 249 4.39 -10.34 23.82
N HIS A 250 4.32 -11.41 23.03
CA HIS A 250 3.07 -11.84 22.40
C HIS A 250 2.97 -13.35 22.58
N TYR A 251 1.87 -13.79 23.21
CA TYR A 251 1.71 -15.18 23.64
C TYR A 251 2.93 -15.67 24.41
N GLY A 252 3.48 -14.78 25.23
CA GLY A 252 4.58 -15.13 26.11
C GLY A 252 5.95 -15.07 25.47
N VAL A 253 6.05 -14.74 24.18
CA VAL A 253 7.32 -14.72 23.46
C VAL A 253 7.74 -13.26 23.29
N SER A 254 8.93 -12.92 23.80
CA SER A 254 9.44 -11.55 23.76
C SER A 254 10.27 -11.30 22.50
N VAL A 255 10.03 -10.14 21.90
CA VAL A 255 10.70 -9.73 20.67
C VAL A 255 11.35 -8.37 20.93
N VAL A 256 12.63 -8.28 20.64
CA VAL A 256 13.34 -7.01 20.71
C VAL A 256 13.16 -6.25 19.39
N GLY A 257 12.53 -5.08 19.44
CA GLY A 257 12.29 -4.32 18.23
C GLY A 257 13.57 -3.75 17.64
N ILE A 258 13.58 -3.63 16.31
CA ILE A 258 14.72 -3.09 15.58
C ILE A 258 14.39 -1.85 14.77
N GLY A 259 13.13 -1.43 14.77
CA GLY A 259 12.70 -0.20 14.13
C GLY A 259 12.20 -0.38 12.70
N ARG A 260 11.46 0.62 12.25
CA ARG A 260 10.78 0.56 10.96
C ARG A 260 11.74 0.45 9.80
N ASP A 261 12.84 1.20 9.84
CA ASP A 261 13.72 1.26 8.69
C ASP A 261 14.32 -0.12 8.43
N LYS A 262 14.75 -0.81 9.48
CA LYS A 262 15.31 -2.14 9.29
C LYS A 262 14.24 -3.15 8.92
N LEU A 263 13.03 -3.03 9.49
CA LEU A 263 11.92 -3.85 9.01
C LEU A 263 11.78 -3.70 7.49
N GLY A 264 11.73 -2.46 7.00
CA GLY A 264 11.55 -2.23 5.58
C GLY A 264 12.67 -2.82 4.76
N LYS A 265 13.92 -2.69 5.23
CA LYS A 265 15.04 -3.24 4.48
C LYS A 265 14.95 -4.75 4.39
N ILE A 266 14.61 -5.40 5.51
CA ILE A 266 14.55 -6.86 5.56
C ILE A 266 13.44 -7.38 4.66
N PHE A 267 12.24 -6.78 4.75
CA PHE A 267 11.14 -7.26 3.95
C PHE A 267 11.28 -6.89 2.47
N TYR A 268 11.90 -5.74 2.15
CA TYR A 268 12.12 -5.41 0.75
C TYR A 268 13.07 -6.42 0.13
N ARG A 269 14.15 -6.77 0.84
CA ARG A 269 15.10 -7.75 0.32
C ARG A 269 14.42 -9.12 0.19
N ALA A 270 13.61 -9.50 1.19
CA ALA A 270 12.94 -10.79 1.10
C ALA A 270 12.05 -10.83 -0.13
N LEU A 271 11.28 -9.75 -0.33
CA LEU A 271 10.33 -9.66 -1.44
C LEU A 271 11.03 -9.77 -2.78
N THR A 272 12.17 -9.11 -2.92
CA THR A 272 12.82 -8.96 -4.21
C THR A 272 13.91 -9.98 -4.50
N GLN A 273 14.42 -10.69 -3.49
CA GLN A 273 15.50 -11.64 -3.68
C GLN A 273 15.17 -13.07 -3.28
N TYR A 274 14.14 -13.31 -2.47
CA TYR A 274 13.97 -14.67 -1.93
C TYR A 274 12.58 -15.26 -2.13
N LEU A 275 11.54 -14.46 -2.04
CA LEU A 275 10.19 -14.99 -2.15
C LEU A 275 9.89 -15.38 -3.60
N THR A 276 9.00 -16.35 -3.75
CA THR A 276 8.58 -16.87 -5.05
C THR A 276 7.07 -16.88 -5.11
N PRO A 277 6.49 -17.20 -6.27
CA PRO A 277 5.03 -17.12 -6.38
C PRO A 277 4.30 -18.02 -5.39
N THR A 278 4.91 -19.12 -4.97
CA THR A 278 4.24 -20.10 -4.12
C THR A 278 4.74 -20.10 -2.69
N SER A 279 5.52 -19.11 -2.28
CA SER A 279 6.02 -19.09 -0.91
C SER A 279 4.90 -19.19 0.11
N ASN A 280 5.10 -20.04 1.12
CA ASN A 280 4.22 -20.10 2.27
C ASN A 280 4.85 -19.37 3.47
N PHE A 281 4.12 -19.36 4.61
CA PHE A 281 4.58 -18.57 5.75
C PHE A 281 5.93 -19.06 6.26
N SER A 282 6.14 -20.38 6.30
CA SER A 282 7.41 -20.92 6.75
C SER A 282 8.55 -20.46 5.85
N GLN A 283 8.29 -20.40 4.54
CA GLN A 283 9.27 -19.92 3.59
C GLN A 283 9.51 -18.43 3.71
N LEU A 284 8.47 -17.66 4.06
CA LEU A 284 8.69 -16.24 4.35
C LEU A 284 9.61 -16.07 5.54
N ARG A 285 9.40 -16.84 6.62
CA ARG A 285 10.31 -16.76 7.75
C ARG A 285 11.74 -17.01 7.29
N ALA A 286 11.95 -18.05 6.48
CA ALA A 286 13.31 -18.35 6.02
C ALA A 286 13.87 -17.22 5.17
N ALA A 287 13.05 -16.63 4.30
CA ALA A 287 13.47 -15.51 3.47
C ALA A 287 13.82 -14.29 4.30
N ALA A 288 13.03 -14.00 5.33
CA ALA A 288 13.32 -12.86 6.21
C ALA A 288 14.60 -13.10 7.01
N VAL A 289 14.79 -14.32 7.52
CA VAL A 289 16.02 -14.65 8.25
C VAL A 289 17.24 -14.46 7.33
N GLN A 290 17.15 -14.97 6.11
CA GLN A 290 18.28 -14.86 5.19
C GLN A 290 18.53 -13.40 4.81
N SER A 291 17.46 -12.62 4.63
CA SER A 291 17.62 -11.21 4.27
C SER A 291 18.30 -10.45 5.39
N ALA A 292 17.86 -10.68 6.64
CA ALA A 292 18.50 -10.04 7.77
C ALA A 292 19.95 -10.50 7.93
N THR A 293 20.24 -11.76 7.60
CA THR A 293 21.61 -12.25 7.64
C THR A 293 22.48 -11.52 6.61
N ASP A 294 21.97 -11.37 5.38
CA ASP A 294 22.72 -10.64 4.35
C ASP A 294 23.02 -9.23 4.80
N LEU A 295 22.04 -8.56 5.40
CA LEU A 295 22.15 -7.14 5.70
C LEU A 295 22.94 -6.86 6.96
N TYR A 296 22.85 -7.74 7.97
CA TYR A 296 23.30 -7.42 9.30
C TYR A 296 24.19 -8.46 9.95
N GLY A 297 24.28 -9.66 9.36
CA GLY A 297 25.15 -10.71 9.84
C GLY A 297 24.39 -11.76 10.62
N SER A 298 24.86 -13.00 10.53
CA SER A 298 24.13 -14.13 11.13
C SER A 298 24.01 -14.02 12.65
N THR A 299 24.97 -13.36 13.33
CA THR A 299 24.95 -13.22 14.77
C THR A 299 24.29 -11.93 15.23
N SER A 300 23.63 -11.23 14.32
CA SER A 300 23.11 -9.93 14.67
C SER A 300 21.83 -10.02 15.48
N GLN A 301 21.55 -8.92 16.18
CA GLN A 301 20.26 -8.74 16.82
C GLN A 301 19.12 -8.78 15.81
N GLU A 302 19.32 -8.21 14.62
CA GLU A 302 18.26 -8.18 13.64
C GLU A 302 17.80 -9.58 13.27
N VAL A 303 18.75 -10.50 13.05
CA VAL A 303 18.38 -11.90 12.77
C VAL A 303 17.65 -12.51 13.96
N ALA A 304 18.18 -12.28 15.17
CA ALA A 304 17.54 -12.84 16.35
C ALA A 304 16.10 -12.36 16.50
N SER A 305 15.87 -11.07 16.23
CA SER A 305 14.54 -10.50 16.37
C SER A 305 13.58 -11.02 15.31
N VAL A 306 14.05 -11.22 14.08
CA VAL A 306 13.19 -11.84 13.07
C VAL A 306 12.72 -13.21 13.55
N LYS A 307 13.65 -14.02 14.08
CA LYS A 307 13.27 -15.34 14.56
C LYS A 307 12.27 -15.26 15.73
N GLN A 308 12.49 -14.33 16.67
CA GLN A 308 11.58 -14.20 17.80
C GLN A 308 10.18 -13.83 17.32
N ALA A 309 10.08 -12.91 16.35
CA ALA A 309 8.80 -12.43 15.87
C ALA A 309 8.00 -13.56 15.20
N PHE A 310 8.66 -14.35 14.36
CA PHE A 310 7.96 -15.48 13.75
C PHE A 310 7.64 -16.55 14.78
N ASP A 311 8.51 -16.78 15.78
CA ASP A 311 8.15 -17.65 16.89
C ASP A 311 6.89 -17.16 17.58
N ALA A 312 6.80 -15.86 17.85
CA ALA A 312 5.68 -15.31 18.60
C ALA A 312 4.35 -15.54 17.90
N VAL A 313 4.35 -15.55 16.57
CA VAL A 313 3.13 -15.80 15.81
C VAL A 313 3.01 -17.25 15.37
N GLY A 314 3.83 -18.15 15.90
CA GLY A 314 3.66 -19.57 15.64
C GLY A 314 4.10 -20.05 14.28
N VAL A 315 4.99 -19.32 13.60
CA VAL A 315 5.45 -19.70 12.28
C VAL A 315 6.90 -20.19 12.40
N LYS A 316 7.11 -21.47 12.11
CA LYS A 316 8.46 -22.03 12.14
C LYS A 316 9.05 -22.23 10.76
ZN ZN B . -4.45 -5.75 -1.17
CA CA C . -2.64 3.84 8.60
CA CA D . -10.25 23.56 -12.00
CA CA E . -2.78 7.40 9.96
CA CA F . -13.89 5.54 10.91
C1 GOL G . -4.99 -6.67 -5.55
O1 GOL G . -5.42 -5.33 -5.70
C2 GOL G . -4.92 -7.49 -6.83
O2 GOL G . -4.00 -6.93 -7.72
C3 GOL G . -4.52 -8.95 -6.57
O3 GOL G . -3.20 -9.08 -6.07
C1 GOL H . -16.34 -4.36 -3.83
O1 GOL H . -15.40 -5.06 -3.04
C2 GOL H . -17.18 -3.44 -2.93
O2 GOL H . -17.85 -4.22 -1.94
C3 GOL H . -18.29 -2.77 -3.74
O3 GOL H . -18.83 -1.71 -2.97
S DMS I . -1.22 -20.62 20.56
O DMS I . -1.45 -21.92 21.25
C1 DMS I . -2.64 -19.59 20.95
C2 DMS I . -0.08 -19.75 21.65
S DMS J . 17.97 -0.94 -11.87
O DMS J . 18.35 -2.08 -12.75
C1 DMS J . 19.56 -0.15 -11.48
C2 DMS J . 17.32 0.40 -12.92
S DMS K . 5.52 16.03 -21.41
O DMS K . 5.74 16.23 -22.88
C1 DMS K . 6.02 14.32 -21.14
C2 DMS K . 6.90 16.90 -20.58
S DMS L . 9.36 22.20 -22.51
O DMS L . 9.02 22.55 -21.06
C1 DMS L . 10.92 21.28 -22.64
C2 DMS L . 8.10 21.14 -23.22
C1 7K0 M . -8.00 -8.85 -8.06
C2 7K0 M . -8.43 -9.10 -6.63
C8 7K0 M . -8.43 -7.70 -8.77
C9 7K0 M . -8.02 -7.51 -10.09
C10 7K0 M . -7.15 -8.41 -10.71
C11 7K0 M . -6.74 -9.54 -10.00
C12 7K0 M . -7.15 -9.76 -8.69
C20 7K0 M . -10.27 -5.62 1.27
C21 7K0 M . -11.20 -4.88 2.26
C22 7K0 M . -12.31 -4.06 1.63
C24 7K0 M . -13.56 -3.94 2.51
N26 7K0 M . -7.74 -1.34 1.45
N26 7K0 M . -6.84 -0.99 -0.30
N26 7K0 M . -9.15 -1.33 -0.14
C6 7K0 M . -8.46 -5.62 -3.18
P13 7K0 M . -7.08 -4.78 -2.33
O14 7K0 M . -6.05 -4.27 -3.29
O15 7K0 M . -6.42 -5.71 -1.27
N16 7K0 M . -7.93 -3.49 -1.54
C17 7K0 M . -7.59 -3.25 -0.10
C18 7K0 M . -8.36 -4.17 0.84
N19 7K0 M . -9.53 -4.70 0.40
C23 7K0 M . -11.80 -2.67 1.30
O27 7K0 M . -7.92 -4.40 1.95
C28 7K0 M . -10.97 -6.70 0.39
O29 7K0 M . -10.93 -6.55 -0.86
O30 7K0 M . -11.45 -7.67 1.03
O3 7K0 M . -7.76 -8.11 -5.80
O3 7K0 M . -7.83 -8.15 -5.74
C4 7K0 M . -8.37 -7.56 -4.74
C4 7K0 M . -8.49 -7.15 -5.11
N5 7K0 M . -7.85 -6.38 -4.27
N5 7K0 M . -7.91 -6.71 -3.97
O7 7K0 M . -9.35 -8.11 -4.27
O7 7K0 M . -9.53 -6.68 -5.55
C25 7K0 M . -8.04 -1.80 0.09
C25 7K0 M . -7.96 -1.80 0.19
C25 7K0 M . -7.79 -1.76 0.23
#